data_3DHP
#
_entry.id   3DHP
#
_cell.length_a   52.736
_cell.length_b   73.722
_cell.length_c   134.095
_cell.angle_alpha   90.000
_cell.angle_beta   90.000
_cell.angle_gamma   90.000
#
_symmetry.space_group_name_H-M   'P 21 21 21'
#
loop_
_entity.id
_entity.type
_entity.pdbx_description
1 polymer 'Alpha-amylase 1'
2 branched 4-amino-4,6-dideoxy-alpha-D-glucopyranose-(1-4)-alpha-D-glucopyranose
3 non-polymer alpha-D-glucopyranose
4 non-polymer 'CALCIUM ION'
5 non-polymer 'CHLORIDE ION'
6 non-polymer 5-HYDROXYMETHYL-CHONDURITOL
7 water water
#
_entity_poly.entity_id   1
_entity_poly.type   'polypeptide(L)'
_entity_poly.pdbx_seq_one_letter_code
;(PCA)YSSNTQQGRTSIVHLFEWRWVDIALECERYLAPKGFGGVQVSPPNENVAIHNPFRPWWERYQPVSYKLCTRSGNE
DEFRNMVTRCNNVGVRIYVDAVINHMCGNAVSAGTSSTCGSYFNPGSRDFPAVPYSGADFNDGKCKTGSGDIENYNDATQ
VRDCRLSGLLDLALGKDYVRSKIAEYMNHLIDIGVAGFRIDASKHMAPGDIKAILDKLHNLNSNWFPEGSKPFIYQEVID
LGGEPIKSSDYFGNGRVTEFKYGAKLGTVIRKWNGEKMSALKNWGEGAGFMPSDRALVFVDNHDNQRGHGAGGASILTFA
DARLYKMAVGFMLAHPYGFTRVMSSYRWPRYFENGKDVNDWVGPPNDNGVTKEVTINPDTTCGNDWVCEHRARQIRNMVN
FRNVVDGQPFTNWYDNGSNQVAFGRGNRGFIVFNNDDWTFSLTLQTGLPAGTYCDVISGDKINGNCTGIKIYVSDDGKAH
FSISNSAEDPFIAIHAESKL
;
_entity_poly.pdbx_strand_id   A
#
# COMPACT_ATOMS: atom_id res chain seq x y z
N TYR A 2 7.05 -6.49 -13.70
CA TYR A 2 6.74 -5.06 -13.65
C TYR A 2 5.28 -4.72 -13.94
N SER A 3 4.60 -5.65 -14.60
CA SER A 3 3.20 -5.51 -14.98
C SER A 3 2.31 -5.84 -13.80
N SER A 4 1.30 -5.00 -13.56
CA SER A 4 0.42 -5.21 -12.41
C SER A 4 -0.50 -6.41 -12.56
N ASN A 5 -0.78 -6.82 -13.78
CA ASN A 5 -1.74 -7.89 -14.07
C ASN A 5 -3.17 -7.53 -13.71
N THR A 6 -3.48 -6.25 -13.53
CA THR A 6 -4.87 -5.86 -13.32
C THR A 6 -5.69 -6.01 -14.60
N GLN A 7 -7.01 -6.05 -14.46
CA GLN A 7 -7.86 -5.93 -15.64
C GLN A 7 -7.59 -4.60 -16.32
N GLN A 8 -7.73 -4.57 -17.64
CA GLN A 8 -7.43 -3.35 -18.39
CA GLN A 8 -7.44 -3.36 -18.40
C GLN A 8 -8.33 -2.20 -17.91
N GLY A 9 -7.74 -1.03 -17.71
CA GLY A 9 -8.49 0.12 -17.26
C GLY A 9 -8.61 0.25 -15.75
N ARG A 10 -7.81 -0.52 -15.03
CA ARG A 10 -7.70 -0.39 -13.57
C ARG A 10 -6.26 -0.16 -13.10
N THR A 11 -6.06 0.91 -12.34
CA THR A 11 -4.73 1.44 -12.13
C THR A 11 -4.26 1.58 -10.66
N SER A 12 -5.05 1.12 -9.70
CA SER A 12 -4.66 1.25 -8.30
C SER A 12 -4.89 -0.02 -7.51
N ILE A 13 -4.12 -0.13 -6.44
CA ILE A 13 -4.28 -1.19 -5.43
CA ILE A 13 -4.32 -1.18 -5.44
C ILE A 13 -4.74 -0.52 -4.14
N VAL A 14 -5.59 -1.20 -3.37
CA VAL A 14 -5.89 -0.75 -2.00
C VAL A 14 -5.36 -1.77 -0.99
N HIS A 15 -4.75 -1.29 0.09
CA HIS A 15 -4.28 -2.15 1.18
C HIS A 15 -5.42 -2.28 2.18
N LEU A 16 -6.07 -3.45 2.19
CA LEU A 16 -7.12 -3.72 3.19
C LEU A 16 -6.47 -4.35 4.42
N PHE A 17 -5.79 -3.51 5.19
CA PHE A 17 -4.91 -3.89 6.29
C PHE A 17 -5.69 -4.65 7.37
N GLU A 18 -5.30 -5.91 7.58
CA GLU A 18 -5.89 -6.77 8.66
C GLU A 18 -7.33 -7.24 8.40
N TRP A 19 -7.88 -6.93 7.24
CA TRP A 19 -9.22 -7.41 6.90
C TRP A 19 -9.25 -8.93 6.85
N ARG A 20 -10.38 -9.50 7.26
CA ARG A 20 -10.65 -10.92 7.07
C ARG A 20 -10.91 -11.28 5.63
N TRP A 21 -10.51 -12.50 5.22
CA TRP A 21 -10.72 -12.93 3.84
C TRP A 21 -12.17 -12.86 3.36
N VAL A 22 -13.12 -13.29 4.19
CA VAL A 22 -14.49 -13.24 3.76
C VAL A 22 -15.01 -11.81 3.52
N ASP A 23 -14.50 -10.86 4.29
CA ASP A 23 -14.91 -9.47 4.10
C ASP A 23 -14.26 -8.90 2.83
N ILE A 24 -13.05 -9.35 2.51
CA ILE A 24 -12.41 -8.90 1.26
C ILE A 24 -13.19 -9.46 0.08
N ALA A 25 -13.57 -10.74 0.14
CA ALA A 25 -14.34 -11.32 -0.96
C ALA A 25 -15.62 -10.54 -1.22
N LEU A 26 -16.40 -10.28 -0.17
CA LEU A 26 -17.62 -9.47 -0.30
C LEU A 26 -17.32 -8.08 -0.86
N GLU A 27 -16.24 -7.48 -0.35
CA GLU A 27 -15.87 -6.14 -0.79
C GLU A 27 -15.48 -6.13 -2.28
N CYS A 28 -14.80 -7.16 -2.77
CA CYS A 28 -14.55 -7.27 -4.21
C CYS A 28 -15.81 -7.21 -5.04
N GLU A 29 -16.82 -7.98 -4.64
CA GLU A 29 -18.06 -8.10 -5.44
C GLU A 29 -18.95 -6.87 -5.31
N ARG A 30 -19.08 -6.34 -4.12
CA ARG A 30 -20.08 -5.29 -3.88
C ARG A 30 -19.54 -3.88 -4.13
N TYR A 31 -18.23 -3.74 -4.16
CA TYR A 31 -17.66 -2.38 -4.19
C TYR A 31 -16.40 -2.24 -5.09
N LEU A 32 -15.39 -3.07 -4.90
CA LEU A 32 -14.11 -2.80 -5.60
C LEU A 32 -14.27 -3.01 -7.09
N ALA A 33 -15.00 -4.03 -7.50
CA ALA A 33 -15.20 -4.27 -8.93
C ALA A 33 -15.98 -3.12 -9.63
N PRO A 34 -17.20 -2.81 -9.16
CA PRO A 34 -17.94 -1.72 -9.80
C PRO A 34 -17.28 -0.34 -9.71
N LYS A 35 -16.43 -0.11 -8.70
CA LYS A 35 -15.78 1.20 -8.59
C LYS A 35 -14.41 1.23 -9.25
N GLY A 36 -14.03 0.13 -9.91
CA GLY A 36 -12.83 0.12 -10.77
C GLY A 36 -11.49 0.01 -10.06
N PHE A 37 -11.47 -0.54 -8.84
CA PHE A 37 -10.21 -0.76 -8.16
C PHE A 37 -9.48 -1.91 -8.81
N GLY A 38 -8.17 -1.82 -8.98
CA GLY A 38 -7.41 -2.87 -9.65
C GLY A 38 -7.16 -4.11 -8.82
N GLY A 39 -6.96 -3.94 -7.51
CA GLY A 39 -6.63 -5.07 -6.66
C GLY A 39 -6.45 -4.70 -5.22
N VAL A 40 -6.18 -5.73 -4.41
CA VAL A 40 -6.09 -5.59 -2.98
C VAL A 40 -4.77 -6.14 -2.48
N GLN A 41 -4.03 -5.36 -1.71
CA GLN A 41 -2.92 -5.89 -0.94
C GLN A 41 -3.49 -6.46 0.36
N VAL A 42 -3.24 -7.76 0.58
CA VAL A 42 -3.71 -8.40 1.81
C VAL A 42 -2.58 -8.52 2.84
N SER A 43 -2.95 -8.61 4.12
CA SER A 43 -1.98 -8.90 5.18
C SER A 43 -1.40 -10.31 5.00
N PRO A 44 -0.23 -10.58 5.62
CA PRO A 44 0.44 -11.87 5.41
C PRO A 44 -0.52 -13.04 5.66
N PRO A 45 -0.64 -13.95 4.68
CA PRO A 45 -1.63 -15.02 4.89
C PRO A 45 -1.08 -16.28 5.55
N ASN A 46 0.19 -16.28 5.92
CA ASN A 46 0.86 -17.45 6.51
C ASN A 46 0.77 -17.39 8.02
N GLU A 47 0.80 -18.57 8.64
CA GLU A 47 0.73 -18.71 10.10
C GLU A 47 1.80 -17.89 10.81
N ASN A 48 1.39 -17.19 11.88
CA ASN A 48 2.27 -16.34 12.66
C ASN A 48 2.17 -16.60 14.16
N VAL A 49 3.07 -16.00 14.93
CA VAL A 49 3.05 -16.12 16.39
C VAL A 49 1.83 -15.39 16.91
N ALA A 50 1.09 -16.04 17.80
CA ALA A 50 0.05 -15.35 18.54
C ALA A 50 0.70 -14.69 19.76
N ILE A 51 0.79 -13.37 19.73
CA ILE A 51 1.49 -12.63 20.77
C ILE A 51 0.48 -12.07 21.72
N HIS A 52 0.59 -12.43 23.01
CA HIS A 52 -0.44 -11.99 23.97
C HIS A 52 0.00 -10.90 24.93
N ASN A 53 1.28 -10.55 24.89
CA ASN A 53 1.81 -9.35 25.54
C ASN A 53 2.68 -8.54 24.55
N PRO A 54 2.18 -7.38 24.08
CA PRO A 54 0.85 -6.85 24.32
C PRO A 54 -0.22 -7.69 23.61
N PHE A 55 -1.48 -7.27 23.73
CA PHE A 55 -2.58 -8.12 23.29
C PHE A 55 -2.80 -8.12 21.77
N ARG A 56 -2.30 -9.16 21.10
CA ARG A 56 -2.55 -9.37 19.66
C ARG A 56 -2.22 -8.13 18.79
N PRO A 57 -0.95 -7.68 18.86
CA PRO A 57 -0.58 -6.50 18.08
C PRO A 57 -0.64 -6.77 16.58
N TRP A 58 -0.85 -5.72 15.79
CA TRP A 58 -0.83 -5.91 14.35
C TRP A 58 0.50 -6.55 13.90
N TRP A 59 1.59 -6.22 14.60
CA TRP A 59 2.91 -6.68 14.17
C TRP A 59 3.21 -8.15 14.40
N GLU A 60 2.32 -8.85 15.11
CA GLU A 60 2.54 -10.30 15.24
C GLU A 60 2.52 -10.98 13.86
N ARG A 61 1.82 -10.38 12.89
CA ARG A 61 1.71 -10.98 11.55
C ARG A 61 3.03 -10.92 10.75
N TYR A 62 4.02 -10.21 11.29
CA TYR A 62 5.33 -10.14 10.64
C TYR A 62 6.34 -11.06 11.31
N GLN A 63 5.80 -12.00 12.10
CA GLN A 63 6.60 -13.06 12.81
C GLN A 63 6.11 -14.47 12.42
N PRO A 64 6.58 -14.98 11.28
CA PRO A 64 6.10 -16.28 10.80
C PRO A 64 6.49 -17.46 11.70
N VAL A 65 5.58 -18.43 11.73
CA VAL A 65 5.80 -19.75 12.36
C VAL A 65 5.81 -20.89 11.34
N SER A 66 5.07 -20.71 10.25
CA SER A 66 5.08 -21.67 9.15
C SER A 66 4.52 -21.02 7.90
N TYR A 67 4.37 -21.81 6.84
CA TYR A 67 3.74 -21.32 5.60
C TYR A 67 2.31 -21.86 5.40
N LYS A 68 1.73 -22.44 6.44
CA LYS A 68 0.30 -22.81 6.40
C LYS A 68 -0.53 -21.53 6.28
N LEU A 69 -1.60 -21.58 5.50
CA LEU A 69 -2.44 -20.39 5.29
C LEU A 69 -3.56 -20.22 6.29
N CYS A 70 -3.19 -19.92 7.53
CA CYS A 70 -4.09 -19.99 8.66
C CYS A 70 -3.73 -18.82 9.59
N THR A 71 -4.59 -17.79 9.61
CA THR A 71 -4.35 -16.52 10.31
C THR A 71 -5.64 -15.99 10.94
N ARG A 72 -5.54 -14.87 11.65
CA ARG A 72 -6.75 -14.15 12.09
C ARG A 72 -7.65 -13.69 10.98
N SER A 73 -7.11 -13.59 9.76
CA SER A 73 -7.95 -13.23 8.63
C SER A 73 -8.80 -14.40 8.12
N GLY A 74 -8.37 -15.63 8.43
CA GLY A 74 -9.11 -16.81 7.96
C GLY A 74 -8.21 -17.98 7.66
N ASN A 75 -8.84 -19.13 7.38
CA ASN A 75 -8.09 -20.33 7.03
C ASN A 75 -7.83 -20.47 5.53
N GLU A 76 -7.18 -21.56 5.12
CA GLU A 76 -6.90 -21.73 3.70
C GLU A 76 -8.16 -21.77 2.82
N ASP A 77 -9.24 -22.42 3.25
CA ASP A 77 -10.47 -22.43 2.46
C ASP A 77 -10.99 -21.02 2.23
N GLU A 78 -10.97 -20.21 3.28
CA GLU A 78 -11.45 -18.83 3.17
C GLU A 78 -10.53 -17.99 2.26
N PHE A 79 -9.24 -18.22 2.37
CA PHE A 79 -8.31 -17.50 1.50
C PHE A 79 -8.56 -17.87 0.04
N ARG A 80 -8.67 -19.18 -0.23
CA ARG A 80 -8.95 -19.61 -1.60
C ARG A 80 -10.27 -19.05 -2.14
N ASN A 81 -11.29 -19.03 -1.30
CA ASN A 81 -12.61 -18.54 -1.67
C ASN A 81 -12.54 -17.05 -2.06
N MET A 82 -11.77 -16.30 -1.28
CA MET A 82 -11.57 -14.87 -1.57
C MET A 82 -10.83 -14.63 -2.90
N VAL A 83 -9.74 -15.35 -3.13
CA VAL A 83 -8.99 -15.13 -4.37
C VAL A 83 -9.85 -15.45 -5.59
N THR A 84 -10.59 -16.55 -5.53
CA THR A 84 -11.46 -16.95 -6.63
C THR A 84 -12.55 -15.91 -6.88
N ARG A 85 -13.24 -15.51 -5.82
CA ARG A 85 -14.35 -14.56 -5.96
C ARG A 85 -13.86 -13.20 -6.48
N CYS A 86 -12.70 -12.76 -6.00
CA CYS A 86 -12.15 -11.49 -6.47
C CYS A 86 -11.69 -11.56 -7.92
N ASN A 87 -10.92 -12.60 -8.26
CA ASN A 87 -10.54 -12.78 -9.69
C ASN A 87 -11.73 -12.86 -10.61
N ASN A 88 -12.79 -13.52 -10.15
CA ASN A 88 -13.96 -13.69 -11.02
C ASN A 88 -14.71 -12.40 -11.33
N VAL A 89 -14.49 -11.34 -10.53
CA VAL A 89 -15.05 -10.01 -10.84
C VAL A 89 -13.96 -9.04 -11.27
N GLY A 90 -12.77 -9.57 -11.59
CA GLY A 90 -11.69 -8.77 -12.16
C GLY A 90 -10.94 -7.87 -11.18
N VAL A 91 -10.85 -8.28 -9.92
CA VAL A 91 -10.09 -7.57 -8.89
C VAL A 91 -9.00 -8.50 -8.37
N ARG A 92 -7.76 -8.07 -8.44
CA ARG A 92 -6.63 -8.96 -8.12
C ARG A 92 -6.24 -8.96 -6.64
N ILE A 93 -5.52 -10.00 -6.24
CA ILE A 93 -5.00 -10.12 -4.89
C ILE A 93 -3.46 -10.10 -4.90
N TYR A 94 -2.87 -9.24 -4.07
CA TYR A 94 -1.41 -9.18 -3.93
C TYR A 94 -1.06 -9.50 -2.48
N VAL A 95 -0.16 -10.46 -2.29
CA VAL A 95 0.18 -10.94 -0.96
C VAL A 95 1.41 -10.26 -0.38
N ASP A 96 1.29 -9.85 0.89
CA ASP A 96 2.44 -9.42 1.71
C ASP A 96 3.26 -10.65 2.09
N ALA A 97 4.41 -10.83 1.43
CA ALA A 97 5.28 -12.00 1.55
C ALA A 97 6.38 -11.71 2.58
N VAL A 98 6.29 -12.39 3.70
CA VAL A 98 7.25 -12.24 4.79
C VAL A 98 8.24 -13.38 4.72
N ILE A 99 9.38 -13.12 4.08
CA ILE A 99 10.28 -14.20 3.69
C ILE A 99 11.73 -13.99 4.11
N ASN A 100 12.05 -12.82 4.69
CA ASN A 100 13.41 -12.59 5.22
C ASN A 100 13.70 -13.30 6.53
N HIS A 101 12.64 -13.63 7.26
CA HIS A 101 12.79 -14.04 8.65
C HIS A 101 11.64 -14.89 9.13
N MET A 102 11.89 -15.58 10.24
CA MET A 102 10.81 -16.18 11.03
C MET A 102 10.61 -15.25 12.23
N CYS A 103 10.11 -15.77 13.34
CA CYS A 103 9.77 -14.92 14.46
C CYS A 103 10.94 -14.45 15.34
N GLY A 104 10.61 -13.65 16.33
CA GLY A 104 11.58 -13.14 17.28
C GLY A 104 12.34 -14.24 17.99
N ASN A 105 13.66 -14.06 18.12
CA ASN A 105 14.51 -15.10 18.69
C ASN A 105 14.22 -15.37 20.16
N ALA A 106 13.57 -14.42 20.83
CA ALA A 106 13.27 -14.52 22.27
C ALA A 106 11.84 -14.96 22.55
N VAL A 107 11.07 -15.19 21.50
CA VAL A 107 9.69 -15.66 21.67
C VAL A 107 9.71 -17.07 22.30
N SER A 108 8.81 -17.33 23.24
CA SER A 108 8.80 -18.62 23.95
C SER A 108 8.38 -19.76 23.05
N ALA A 109 9.01 -20.92 23.23
CA ALA A 109 8.65 -22.11 22.50
C ALA A 109 7.25 -22.60 22.90
N GLY A 110 6.58 -23.24 21.96
CA GLY A 110 5.26 -23.82 22.23
C GLY A 110 4.36 -23.81 21.01
N THR A 111 3.06 -23.72 21.26
CA THR A 111 2.05 -23.70 20.19
C THR A 111 1.20 -22.42 20.17
N SER A 112 1.79 -21.31 20.63
CA SER A 112 1.10 -20.03 20.61
C SER A 112 1.22 -19.42 19.22
N SER A 113 0.50 -20.00 18.29
CA SER A 113 0.56 -19.67 16.85
C SER A 113 -0.84 -19.73 16.26
N THR A 114 -1.05 -19.09 15.12
CA THR A 114 -2.41 -18.94 14.62
C THR A 114 -3.05 -20.21 14.06
N CYS A 115 -2.25 -21.26 13.86
CA CYS A 115 -2.79 -22.58 13.48
C CYS A 115 -2.41 -23.64 14.50
N GLY A 116 -1.80 -23.23 15.61
CA GLY A 116 -1.41 -24.19 16.64
C GLY A 116 -0.16 -25.02 16.32
N SER A 117 0.59 -24.66 15.28
CA SER A 117 1.84 -25.35 15.01
C SER A 117 2.87 -25.14 16.14
N TYR A 118 3.63 -26.19 16.46
CA TYR A 118 4.72 -26.06 17.42
C TYR A 118 5.90 -25.30 16.78
N PHE A 119 6.60 -24.52 17.60
CA PHE A 119 7.84 -23.90 17.15
C PHE A 119 8.71 -23.61 18.37
N ASN A 120 10.03 -23.53 18.15
CA ASN A 120 10.97 -23.27 19.24
C ASN A 120 12.07 -22.33 18.77
N PRO A 121 11.82 -21.02 18.96
CA PRO A 121 12.79 -20.05 18.43
C PRO A 121 14.19 -20.24 19.01
N GLY A 122 14.25 -20.57 20.30
CA GLY A 122 15.55 -20.72 20.96
C GLY A 122 16.39 -21.83 20.36
N SER A 123 15.75 -22.90 19.94
CA SER A 123 16.47 -23.99 19.30
CA SER A 123 16.45 -24.01 19.29
C SER A 123 16.46 -23.90 17.76
N ARG A 124 15.88 -22.82 17.22
CA ARG A 124 15.79 -22.59 15.78
C ARG A 124 14.94 -23.65 15.05
N ASP A 125 13.99 -24.22 15.78
CA ASP A 125 13.19 -25.32 15.25
CA ASP A 125 13.18 -25.34 15.30
C ASP A 125 11.78 -24.91 14.86
N PHE A 126 11.51 -25.02 13.56
CA PHE A 126 10.19 -24.70 13.01
C PHE A 126 9.70 -25.90 12.20
N PRO A 127 9.24 -26.93 12.91
CA PRO A 127 9.01 -28.22 12.25
C PRO A 127 7.87 -28.21 11.24
N ALA A 128 6.99 -27.21 11.29
CA ALA A 128 5.90 -27.16 10.33
C ALA A 128 6.35 -26.71 8.93
N VAL A 129 7.58 -26.23 8.80
CA VAL A 129 8.12 -25.85 7.49
C VAL A 129 8.68 -27.01 6.66
N PRO A 130 9.73 -27.70 7.15
CA PRO A 130 10.53 -27.50 8.37
C PRO A 130 11.81 -26.67 8.15
N TYR A 131 12.19 -25.91 9.17
CA TYR A 131 13.49 -25.27 9.24
C TYR A 131 14.14 -25.71 10.55
N SER A 132 15.49 -25.73 10.54
CA SER A 132 16.27 -26.01 11.73
CA SER A 132 16.29 -26.01 11.73
C SER A 132 17.39 -24.98 11.81
N GLY A 133 18.29 -25.14 12.79
CA GLY A 133 19.38 -24.18 12.98
C GLY A 133 20.23 -23.94 11.74
N ALA A 134 20.38 -24.97 10.90
CA ALA A 134 21.14 -24.88 9.65
C ALA A 134 20.56 -23.85 8.67
N ASP A 135 19.34 -23.41 8.93
CA ASP A 135 18.63 -22.57 7.98
C ASP A 135 18.60 -21.08 8.34
N PHE A 136 19.36 -20.72 9.37
CA PHE A 136 19.44 -19.33 9.84
C PHE A 136 20.85 -18.79 9.79
N ASN A 137 20.98 -17.48 9.94
CA ASN A 137 22.27 -16.81 9.76
C ASN A 137 23.07 -16.55 11.04
N ASP A 138 22.83 -17.32 12.11
CA ASP A 138 23.57 -17.16 13.38
C ASP A 138 25.09 -17.07 13.18
N GLY A 139 25.64 -18.00 12.41
CA GLY A 139 27.08 -18.06 12.20
C GLY A 139 27.61 -16.98 11.28
N LYS A 140 26.74 -16.49 10.38
CA LYS A 140 27.17 -15.52 9.38
C LYS A 140 27.23 -14.10 9.94
N CYS A 141 26.33 -13.79 10.86
CA CYS A 141 26.26 -12.45 11.45
C CYS A 141 27.44 -12.16 12.36
N LYS A 142 27.96 -10.93 12.28
CA LYS A 142 29.19 -10.59 13.00
C LYS A 142 29.01 -9.54 14.09
N THR A 143 27.78 -9.07 14.32
CA THR A 143 27.54 -8.08 15.37
C THR A 143 27.52 -8.73 16.77
N GLY A 144 27.83 -7.92 17.79
CA GLY A 144 27.90 -8.39 19.16
C GLY A 144 26.55 -8.85 19.67
N SER A 145 25.48 -8.23 19.19
CA SER A 145 24.14 -8.56 19.67
C SER A 145 23.46 -9.63 18.82
N GLY A 146 23.99 -9.88 17.63
CA GLY A 146 23.30 -10.74 16.65
C GLY A 146 22.22 -10.01 15.87
N ASP A 147 21.95 -8.76 16.25
CA ASP A 147 20.91 -7.97 15.61
C ASP A 147 21.52 -6.91 14.74
N ILE A 148 20.68 -6.31 13.90
CA ILE A 148 21.14 -5.18 13.09
C ILE A 148 21.34 -3.97 14.01
N GLU A 149 22.53 -3.37 13.94
CA GLU A 149 22.92 -2.26 14.81
C GLU A 149 23.24 -0.97 14.04
N ASN A 150 23.55 -1.10 12.75
CA ASN A 150 24.17 0.00 12.00
C ASN A 150 23.83 -0.12 10.51
N TYR A 151 22.94 0.74 10.04
CA TYR A 151 22.55 0.73 8.62
C TYR A 151 23.62 1.22 7.65
N ASN A 152 24.74 1.72 8.16
CA ASN A 152 25.85 2.10 7.29
C ASN A 152 26.64 0.87 6.84
N ASP A 153 26.34 -0.30 7.42
CA ASP A 153 27.07 -1.53 7.08
C ASP A 153 26.13 -2.49 6.34
N ALA A 154 26.23 -2.54 5.02
CA ALA A 154 25.30 -3.36 4.23
C ALA A 154 25.34 -4.81 4.64
N THR A 155 26.52 -5.31 5.00
CA THR A 155 26.65 -6.73 5.34
C THR A 155 25.76 -7.10 6.52
N GLN A 156 25.80 -6.34 7.60
CA GLN A 156 24.94 -6.69 8.72
C GLN A 156 23.44 -6.47 8.42
N VAL A 157 23.12 -5.50 7.57
CA VAL A 157 21.72 -5.26 7.22
C VAL A 157 21.11 -6.51 6.58
N ARG A 158 21.92 -7.26 5.81
CA ARG A 158 21.47 -8.50 5.16
C ARG A 158 21.60 -9.74 6.04
N ASP A 159 22.63 -9.79 6.89
CA ASP A 159 22.98 -11.07 7.54
C ASP A 159 22.49 -11.18 8.98
N CYS A 160 22.17 -10.05 9.60
CA CYS A 160 21.82 -10.04 11.01
C CYS A 160 20.32 -9.90 11.21
N ARG A 161 19.89 -10.01 12.45
CA ARG A 161 18.47 -10.05 12.76
C ARG A 161 17.83 -8.68 12.83
N LEU A 162 16.89 -8.43 11.94
CA LEU A 162 16.09 -7.20 12.01
C LEU A 162 15.27 -7.20 13.30
N SER A 163 15.62 -6.33 14.25
CA SER A 163 14.89 -6.26 15.52
CA SER A 163 14.87 -6.27 15.51
C SER A 163 14.79 -7.62 16.22
N GLY A 164 15.84 -8.44 16.08
CA GLY A 164 15.84 -9.77 16.71
C GLY A 164 15.04 -10.85 16.00
N LEU A 165 14.40 -10.51 14.87
CA LEU A 165 13.71 -11.54 14.06
C LEU A 165 14.70 -12.54 13.46
N LEU A 166 14.45 -13.83 13.65
CA LEU A 166 15.39 -14.85 13.18
C LEU A 166 15.62 -14.78 11.69
N ASP A 167 16.87 -14.64 11.25
CA ASP A 167 17.16 -14.29 9.86
C ASP A 167 17.44 -15.51 8.97
N LEU A 168 16.63 -15.73 7.95
CA LEU A 168 16.77 -16.92 7.12
C LEU A 168 18.02 -16.90 6.25
N ALA A 169 18.64 -18.08 6.07
CA ALA A 169 19.82 -18.22 5.25
C ALA A 169 19.42 -18.30 3.78
N LEU A 170 19.13 -17.14 3.20
CA LEU A 170 18.59 -17.07 1.84
C LEU A 170 19.55 -17.43 0.72
N GLY A 171 20.81 -17.67 1.07
CA GLY A 171 21.80 -18.16 0.14
C GLY A 171 21.68 -19.65 -0.14
N LYS A 172 20.92 -20.35 0.71
CA LYS A 172 20.81 -21.79 0.63
C LYS A 172 19.67 -22.23 -0.26
N ASP A 173 19.95 -23.14 -1.18
CA ASP A 173 18.89 -23.63 -2.07
C ASP A 173 17.70 -24.22 -1.29
N TYR A 174 17.95 -24.90 -0.18
CA TYR A 174 16.86 -25.49 0.59
C TYR A 174 15.87 -24.41 1.06
N VAL A 175 16.40 -23.31 1.60
CA VAL A 175 15.56 -22.24 2.11
C VAL A 175 14.86 -21.55 0.95
N ARG A 176 15.61 -21.22 -0.11
CA ARG A 176 14.98 -20.63 -1.31
C ARG A 176 13.81 -21.49 -1.79
N SER A 177 14.01 -22.81 -1.75
CA SER A 177 12.99 -23.74 -2.22
C SER A 177 11.75 -23.80 -1.34
N LYS A 178 11.92 -23.75 -0.01
CA LYS A 178 10.76 -23.73 0.87
C LYS A 178 9.94 -22.45 0.68
N ILE A 179 10.63 -21.32 0.49
CA ILE A 179 9.93 -20.05 0.27
C ILE A 179 9.20 -20.09 -1.09
N ALA A 180 9.86 -20.61 -2.12
CA ALA A 180 9.22 -20.71 -3.42
C ALA A 180 8.01 -21.65 -3.40
N GLU A 181 8.09 -22.70 -2.59
CA GLU A 181 6.95 -23.62 -2.42
C GLU A 181 5.72 -22.87 -1.89
N TYR A 182 5.93 -22.05 -0.87
CA TYR A 182 4.89 -21.18 -0.32
C TYR A 182 4.33 -20.22 -1.38
N MET A 183 5.23 -19.53 -2.08
CA MET A 183 4.76 -18.56 -3.05
C MET A 183 4.07 -19.22 -4.24
N ASN A 184 4.51 -20.42 -4.63
CA ASN A 184 3.82 -21.12 -5.71
C ASN A 184 2.45 -21.67 -5.31
N HIS A 185 2.28 -22.00 -4.03
CA HIS A 185 0.96 -22.35 -3.50
C HIS A 185 0.00 -21.16 -3.74
N LEU A 186 0.48 -19.96 -3.38
CA LEU A 186 -0.33 -18.75 -3.52
C LEU A 186 -0.62 -18.41 -5.00
N ILE A 187 0.42 -18.49 -5.84
CA ILE A 187 0.24 -18.25 -7.28
C ILE A 187 -0.83 -19.17 -7.84
N ASP A 188 -0.75 -20.46 -7.49
CA ASP A 188 -1.68 -21.39 -8.11
C ASP A 188 -3.12 -21.20 -7.63
N ILE A 189 -3.28 -20.69 -6.41
CA ILE A 189 -4.58 -20.30 -5.90
C ILE A 189 -5.18 -19.14 -6.74
N GLY A 190 -4.29 -18.29 -7.28
CA GLY A 190 -4.74 -17.23 -8.14
C GLY A 190 -4.19 -15.84 -7.79
N VAL A 191 -3.24 -15.73 -6.86
CA VAL A 191 -2.70 -14.41 -6.53
CA VAL A 191 -2.68 -14.42 -6.52
C VAL A 191 -1.94 -13.80 -7.72
N ALA A 192 -2.00 -12.47 -7.81
CA ALA A 192 -1.44 -11.77 -8.99
C ALA A 192 -0.03 -11.23 -8.77
N GLY A 193 0.44 -11.24 -7.53
CA GLY A 193 1.75 -10.68 -7.22
C GLY A 193 1.95 -10.56 -5.74
N PHE A 194 3.05 -9.89 -5.39
CA PHE A 194 3.56 -9.84 -4.04
C PHE A 194 4.17 -8.52 -3.65
N ARG A 195 3.88 -8.07 -2.43
CA ARG A 195 4.68 -7.09 -1.73
C ARG A 195 5.77 -7.86 -1.00
N ILE A 196 7.05 -7.66 -1.35
CA ILE A 196 8.12 -8.38 -0.66
C ILE A 196 8.55 -7.56 0.56
N ASP A 197 8.13 -8.01 1.73
CA ASP A 197 8.44 -7.37 2.98
C ASP A 197 9.95 -7.36 3.28
N ALA A 198 10.45 -6.27 3.87
CA ALA A 198 11.82 -6.26 4.40
C ALA A 198 12.85 -6.57 3.30
N SER A 199 12.59 -6.07 2.08
CA SER A 199 13.50 -6.37 0.97
C SER A 199 14.94 -5.87 1.16
N LYS A 200 15.12 -4.77 1.89
CA LYS A 200 16.47 -4.24 2.14
C LYS A 200 17.34 -5.28 2.83
N HIS A 201 16.69 -6.19 3.56
CA HIS A 201 17.37 -7.17 4.42
C HIS A 201 17.75 -8.45 3.70
N MET A 202 17.49 -8.47 2.40
CA MET A 202 17.80 -9.61 1.53
C MET A 202 18.63 -9.11 0.34
N ALA A 203 19.65 -9.87 -0.05
CA ALA A 203 20.40 -9.47 -1.24
C ALA A 203 19.49 -9.49 -2.46
N PRO A 204 19.64 -8.53 -3.38
CA PRO A 204 18.84 -8.56 -4.60
C PRO A 204 18.92 -9.89 -5.33
N GLY A 205 20.11 -10.50 -5.33
CA GLY A 205 20.37 -11.80 -5.96
C GLY A 205 19.68 -12.97 -5.27
N ASP A 206 19.48 -12.90 -3.95
CA ASP A 206 18.73 -13.95 -3.22
C ASP A 206 17.23 -13.83 -3.53
N ILE A 207 16.71 -12.60 -3.57
CA ILE A 207 15.36 -12.42 -4.04
C ILE A 207 15.21 -12.98 -5.46
N LYS A 208 16.15 -12.64 -6.36
CA LYS A 208 16.08 -13.14 -7.73
C LYS A 208 16.02 -14.66 -7.76
N ALA A 209 16.80 -15.30 -6.90
CA ALA A 209 16.93 -16.77 -6.94
C ALA A 209 15.62 -17.42 -6.54
N ILE A 210 14.90 -16.78 -5.61
CA ILE A 210 13.57 -17.25 -5.23
C ILE A 210 12.55 -17.00 -6.35
N LEU A 211 12.55 -15.80 -6.90
CA LEU A 211 11.60 -15.48 -7.97
C LEU A 211 11.78 -16.39 -9.20
N ASP A 212 13.03 -16.79 -9.46
CA ASP A 212 13.37 -17.73 -10.55
C ASP A 212 12.63 -19.08 -10.45
N LYS A 213 12.17 -19.41 -9.25
CA LYS A 213 11.57 -20.72 -8.98
C LYS A 213 10.05 -20.68 -9.11
N LEU A 214 9.51 -19.50 -9.40
CA LEU A 214 8.06 -19.35 -9.36
C LEU A 214 7.33 -19.70 -10.65
N HIS A 215 6.10 -20.15 -10.48
CA HIS A 215 5.23 -20.46 -11.60
C HIS A 215 4.76 -19.22 -12.32
N ASN A 216 4.31 -19.40 -13.55
CA ASN A 216 3.47 -18.40 -14.19
C ASN A 216 2.11 -18.30 -13.50
N LEU A 217 1.42 -17.17 -13.66
CA LEU A 217 0.13 -16.97 -13.01
C LEU A 217 -0.95 -17.94 -13.48
N ASN A 218 -1.96 -18.15 -12.63
CA ASN A 218 -2.97 -19.15 -12.92
C ASN A 218 -3.63 -18.92 -14.28
N SER A 219 -3.51 -19.91 -15.17
CA SER A 219 -3.91 -19.73 -16.56
C SER A 219 -5.44 -19.70 -16.82
N ASN A 220 -6.27 -19.89 -15.78
CA ASN A 220 -7.71 -19.63 -15.91
C ASN A 220 -8.07 -18.14 -15.96
N TRP A 221 -7.24 -17.30 -15.34
CA TRP A 221 -7.54 -15.87 -15.23
C TRP A 221 -6.55 -14.99 -15.94
N PHE A 222 -5.34 -15.49 -16.12
CA PHE A 222 -4.25 -14.68 -16.64
C PHE A 222 -3.73 -15.27 -17.94
N PRO A 223 -3.38 -14.40 -18.91
CA PRO A 223 -2.87 -14.90 -20.20
C PRO A 223 -1.56 -15.68 -20.07
N GLU A 224 -1.30 -16.54 -21.05
CA GLU A 224 -0.07 -17.33 -21.04
C GLU A 224 1.17 -16.45 -20.92
N GLY A 225 2.09 -16.87 -20.06
CA GLY A 225 3.36 -16.18 -19.86
C GLY A 225 3.34 -15.12 -18.77
N SER A 226 2.18 -14.91 -18.13
CA SER A 226 2.07 -13.87 -17.09
C SER A 226 2.95 -14.21 -15.88
N LYS A 227 3.67 -13.20 -15.37
CA LYS A 227 4.53 -13.33 -14.21
C LYS A 227 3.92 -12.54 -13.04
N PRO A 228 4.15 -12.99 -11.81
CA PRO A 228 3.64 -12.18 -10.71
C PRO A 228 4.20 -10.77 -10.69
N PHE A 229 3.32 -9.80 -10.39
CA PHE A 229 3.77 -8.42 -10.12
C PHE A 229 4.56 -8.41 -8.82
N ILE A 230 5.74 -7.81 -8.83
CA ILE A 230 6.58 -7.74 -7.66
C ILE A 230 6.81 -6.30 -7.27
N TYR A 231 6.49 -5.94 -6.03
CA TYR A 231 6.92 -4.66 -5.48
C TYR A 231 7.60 -4.85 -4.15
N GLN A 232 8.80 -4.30 -4.02
CA GLN A 232 9.69 -4.60 -2.91
C GLN A 232 9.70 -3.46 -1.92
N GLU A 233 9.55 -3.77 -0.64
CA GLU A 233 9.62 -2.73 0.39
C GLU A 233 11.07 -2.43 0.74
N VAL A 234 11.54 -1.28 0.25
CA VAL A 234 12.87 -0.76 0.56
C VAL A 234 12.69 0.69 0.96
N ILE A 235 13.08 1.05 2.19
CA ILE A 235 13.01 2.43 2.64
C ILE A 235 14.33 3.10 2.29
N ASP A 236 14.39 3.90 1.23
CA ASP A 236 15.64 4.55 0.83
C ASP A 236 15.42 6.05 0.74
N LEU A 237 15.79 6.72 1.83
CA LEU A 237 15.67 8.18 1.91
C LEU A 237 17.03 8.81 1.66
N GLY A 238 17.99 8.01 1.20
CA GLY A 238 19.34 8.50 0.91
C GLY A 238 20.29 8.21 2.08
N GLY A 239 21.58 8.38 1.86
CA GLY A 239 22.55 8.28 2.95
C GLY A 239 23.04 6.88 3.33
N GLU A 240 22.46 5.84 2.75
CA GLU A 240 22.85 4.48 3.12
C GLU A 240 23.53 3.80 1.95
N PRO A 241 24.28 2.72 2.20
CA PRO A 241 24.95 2.02 1.10
C PRO A 241 23.99 1.24 0.18
N ILE A 242 22.84 0.86 0.71
CA ILE A 242 21.87 0.13 -0.09
C ILE A 242 20.90 1.14 -0.69
N LYS A 243 20.61 0.97 -1.98
CA LYS A 243 19.79 1.90 -2.72
C LYS A 243 18.55 1.19 -3.30
N SER A 244 17.44 1.91 -3.44
CA SER A 244 16.25 1.34 -4.09
CA SER A 244 16.26 1.32 -4.06
C SER A 244 16.57 0.74 -5.45
N SER A 245 17.47 1.40 -6.19
CA SER A 245 17.79 0.93 -7.54
C SER A 245 18.45 -0.46 -7.57
N ASP A 246 19.04 -0.88 -6.45
CA ASP A 246 19.67 -2.19 -6.36
C ASP A 246 18.63 -3.29 -6.59
N TYR A 247 17.35 -2.94 -6.47
CA TYR A 247 16.27 -3.92 -6.54
C TYR A 247 15.47 -3.88 -7.85
N PHE A 248 15.81 -3.00 -8.80
CA PHE A 248 15.02 -2.86 -10.02
C PHE A 248 14.98 -4.10 -10.91
N GLY A 249 15.99 -4.98 -10.81
CA GLY A 249 16.00 -6.24 -11.57
C GLY A 249 14.84 -7.16 -11.22
N ASN A 250 14.31 -6.98 -10.02
CA ASN A 250 13.32 -7.92 -9.49
C ASN A 250 11.88 -7.45 -9.64
N GLY A 251 11.66 -6.14 -9.85
CA GLY A 251 10.31 -5.58 -9.87
C GLY A 251 10.33 -4.10 -9.48
N ARG A 252 9.14 -3.58 -9.20
CA ARG A 252 9.01 -2.23 -8.65
C ARG A 252 9.52 -2.16 -7.20
N VAL A 253 9.70 -0.94 -6.71
CA VAL A 253 10.20 -0.67 -5.37
C VAL A 253 9.33 0.43 -4.77
N THR A 254 9.01 0.30 -3.50
CA THR A 254 8.29 1.38 -2.78
C THR A 254 9.15 2.65 -2.79
N GLU A 255 8.53 3.78 -3.11
CA GLU A 255 9.21 5.08 -3.07
C GLU A 255 8.79 5.83 -1.81
N PHE A 256 9.53 5.64 -0.72
CA PHE A 256 9.17 6.30 0.55
C PHE A 256 9.46 7.80 0.55
N LYS A 257 10.25 8.27 -0.41
CA LYS A 257 10.44 9.72 -0.51
C LYS A 257 9.12 10.43 -0.85
N TYR A 258 8.21 9.71 -1.51
CA TYR A 258 7.02 10.30 -2.08
C TYR A 258 6.13 10.88 -1.01
N GLY A 259 5.67 10.04 -0.08
CA GLY A 259 4.75 10.54 0.94
C GLY A 259 5.37 11.48 1.95
N ALA A 260 6.66 11.28 2.23
CA ALA A 260 7.37 12.17 3.14
C ALA A 260 7.36 13.59 2.52
N LYS A 261 7.72 13.68 1.24
CA LYS A 261 7.78 15.01 0.62
C LYS A 261 6.36 15.59 0.44
N LEU A 262 5.41 14.76 0.00
CA LEU A 262 4.08 15.29 -0.26
C LEU A 262 3.44 15.80 1.03
N GLY A 263 3.61 15.05 2.13
CA GLY A 263 3.15 15.51 3.42
C GLY A 263 3.73 16.87 3.80
N THR A 264 5.03 17.03 3.59
CA THR A 264 5.67 18.31 3.89
C THR A 264 5.08 19.46 3.05
N VAL A 265 4.90 19.22 1.75
CA VAL A 265 4.31 20.21 0.86
C VAL A 265 2.89 20.59 1.26
N ILE A 266 2.03 19.60 1.52
CA ILE A 266 0.63 19.89 1.78
C ILE A 266 0.42 20.55 3.17
N ARG A 267 1.28 20.20 4.12
CA ARG A 267 1.30 20.88 5.42
C ARG A 267 1.90 22.28 5.37
N LYS A 268 2.53 22.60 4.24
CA LYS A 268 3.21 23.89 4.06
C LYS A 268 4.33 24.06 5.09
N TRP A 269 5.03 22.95 5.34
CA TRP A 269 6.17 22.96 6.25
C TRP A 269 7.47 23.19 5.50
N ASN A 270 8.48 23.66 6.23
CA ASN A 270 9.82 23.75 5.68
C ASN A 270 9.88 24.62 4.45
N GLY A 271 9.01 25.63 4.39
CA GLY A 271 8.94 26.57 3.27
C GLY A 271 8.43 25.96 1.97
N GLU A 272 7.87 24.75 2.03
CA GLU A 272 7.41 24.05 0.82
C GLU A 272 6.07 24.59 0.40
N LYS A 273 5.76 24.51 -0.89
CA LYS A 273 4.47 25.00 -1.39
C LYS A 273 4.03 24.19 -2.60
N MET A 274 2.72 24.16 -2.85
CA MET A 274 2.19 23.36 -3.95
C MET A 274 2.70 23.77 -5.32
N SER A 275 3.09 25.04 -5.48
CA SER A 275 3.61 25.44 -6.78
C SER A 275 4.84 24.64 -7.22
N ALA A 276 5.58 24.11 -6.26
CA ALA A 276 6.76 23.30 -6.54
C ALA A 276 6.40 21.94 -7.18
N LEU A 277 5.14 21.53 -7.04
CA LEU A 277 4.69 20.23 -7.55
C LEU A 277 4.69 20.11 -9.07
N LYS A 278 4.96 21.21 -9.79
CA LYS A 278 5.05 21.06 -11.22
C LYS A 278 6.18 20.11 -11.61
N ASN A 279 7.21 19.98 -10.76
CA ASN A 279 8.34 19.11 -11.05
C ASN A 279 8.22 17.77 -10.31
N TRP A 280 7.01 17.44 -9.88
CA TRP A 280 6.82 16.19 -9.18
C TRP A 280 7.30 14.99 -10.00
N GLY A 281 7.85 13.99 -9.30
CA GLY A 281 8.33 12.77 -9.96
C GLY A 281 9.84 12.74 -9.91
N GLU A 282 10.48 12.35 -11.02
CA GLU A 282 11.95 12.36 -11.04
C GLU A 282 12.54 13.75 -10.77
N GLY A 283 11.78 14.79 -11.15
CA GLY A 283 12.23 16.15 -10.89
C GLY A 283 12.26 16.53 -9.41
N ALA A 284 11.62 15.72 -8.56
CA ALA A 284 11.69 15.93 -7.12
C ALA A 284 12.72 15.02 -6.46
N GLY A 285 13.48 14.27 -7.25
CA GLY A 285 14.52 13.42 -6.72
C GLY A 285 14.13 11.97 -6.58
N PHE A 286 12.94 11.63 -7.09
CA PHE A 286 12.44 10.28 -6.91
C PHE A 286 13.00 9.32 -7.99
N MET A 287 12.77 8.02 -7.78
CA MET A 287 13.23 6.99 -8.75
C MET A 287 12.40 7.05 -10.05
N PRO A 288 12.77 6.25 -11.05
CA PRO A 288 11.99 6.29 -12.30
C PRO A 288 10.53 5.90 -12.07
N SER A 289 9.62 6.63 -12.70
CA SER A 289 8.18 6.42 -12.57
C SER A 289 7.77 4.96 -12.83
N ASP A 290 8.42 4.32 -13.81
CA ASP A 290 8.07 2.93 -14.15
C ASP A 290 8.56 1.89 -13.14
N ARG A 291 9.26 2.33 -12.10
CA ARG A 291 9.64 1.41 -11.01
C ARG A 291 9.02 1.77 -9.66
N ALA A 292 8.42 2.96 -9.53
CA ALA A 292 7.96 3.41 -8.20
C ALA A 292 6.59 2.81 -7.87
N LEU A 293 6.48 2.33 -6.63
CA LEU A 293 5.18 2.03 -6.04
C LEU A 293 4.97 3.16 -5.03
N VAL A 294 3.92 3.96 -5.24
CA VAL A 294 3.74 5.19 -4.45
C VAL A 294 2.51 5.16 -3.59
N PHE A 295 2.52 6.00 -2.57
CA PHE A 295 1.47 6.01 -1.55
C PHE A 295 1.69 7.20 -0.64
N VAL A 296 0.62 7.65 0.00
CA VAL A 296 0.70 8.79 0.93
C VAL A 296 1.19 8.30 2.29
N ASP A 297 0.56 7.24 2.80
CA ASP A 297 0.99 6.61 4.04
C ASP A 297 0.95 5.11 3.83
N ASN A 298 1.62 4.36 4.72
CA ASN A 298 1.48 2.88 4.73
C ASN A 298 1.18 2.43 6.15
N HIS A 299 1.06 1.11 6.33
CA HIS A 299 0.63 0.62 7.64
C HIS A 299 1.66 0.89 8.74
N ASP A 300 2.95 1.01 8.38
CA ASP A 300 3.99 1.34 9.37
C ASP A 300 3.95 2.85 9.71
N ASN A 301 4.07 3.70 8.69
CA ASN A 301 4.32 5.11 9.02
C ASN A 301 3.09 5.88 9.43
N GLN A 302 1.90 5.33 9.22
CA GLN A 302 0.71 6.02 9.71
C GLN A 302 0.65 5.96 11.24
N ARG A 303 1.46 5.09 11.83
CA ARG A 303 1.52 4.93 13.29
C ARG A 303 2.93 5.14 13.80
N GLY A 304 3.77 5.81 13.00
CA GLY A 304 5.10 6.20 13.47
C GLY A 304 6.18 5.13 13.37
N HIS A 305 5.83 3.96 12.83
CA HIS A 305 6.79 2.88 12.63
C HIS A 305 7.52 3.05 11.29
N GLY A 306 8.50 2.21 11.05
CA GLY A 306 9.31 2.31 9.85
C GLY A 306 10.17 3.55 9.96
N ALA A 307 10.24 4.29 8.87
CA ALA A 307 11.05 5.51 8.90
C ALA A 307 10.24 6.58 9.61
N GLY A 308 8.95 6.32 9.80
CA GLY A 308 8.07 7.30 10.44
C GLY A 308 8.09 8.61 9.67
N GLY A 309 8.22 9.71 10.39
CA GLY A 309 8.22 11.06 9.82
C GLY A 309 7.01 11.85 10.29
N ALA A 310 7.25 13.02 10.88
CA ALA A 310 6.17 13.88 11.34
C ALA A 310 5.30 14.42 10.20
N SER A 311 5.85 14.47 8.99
CA SER A 311 5.08 15.03 7.89
C SER A 311 4.03 14.10 7.28
N ILE A 312 4.10 12.79 7.60
CA ILE A 312 3.21 11.84 6.96
C ILE A 312 1.74 12.18 7.24
N LEU A 313 0.93 12.18 6.18
CA LEU A 313 -0.49 12.46 6.29
C LEU A 313 -1.26 11.13 6.35
N THR A 314 -2.27 11.12 7.21
CA THR A 314 -3.10 9.92 7.41
C THR A 314 -4.55 10.33 7.64
N PHE A 315 -5.43 9.34 7.80
CA PHE A 315 -6.83 9.65 8.03
C PHE A 315 -7.08 10.55 9.25
N ALA A 316 -6.11 10.63 10.16
CA ALA A 316 -6.22 11.46 11.36
C ALA A 316 -6.20 12.95 11.00
N ASP A 317 -5.60 13.27 9.85
CA ASP A 317 -5.58 14.64 9.32
C ASP A 317 -6.42 14.66 8.04
N ALA A 318 -7.71 14.38 8.18
CA ALA A 318 -8.58 14.01 7.06
C ALA A 318 -8.57 15.00 5.90
N ARG A 319 -8.69 16.28 6.21
CA ARG A 319 -8.79 17.27 5.14
C ARG A 319 -7.54 17.32 4.27
N LEU A 320 -6.37 17.44 4.88
CA LEU A 320 -5.13 17.45 4.09
C LEU A 320 -4.86 16.10 3.43
N TYR A 321 -5.24 15.03 4.11
CA TYR A 321 -5.01 13.70 3.60
C TYR A 321 -5.76 13.47 2.28
N LYS A 322 -7.03 13.84 2.22
CA LYS A 322 -7.80 13.67 0.98
C LYS A 322 -7.18 14.46 -0.16
N MET A 323 -6.65 15.64 0.15
CA MET A 323 -6.05 16.48 -0.87
C MET A 323 -4.74 15.80 -1.38
N ALA A 324 -3.95 15.27 -0.47
CA ALA A 324 -2.72 14.55 -0.86
C ALA A 324 -3.02 13.32 -1.71
N VAL A 325 -3.99 12.53 -1.29
CA VAL A 325 -4.37 11.34 -2.05
C VAL A 325 -4.90 11.75 -3.43
N GLY A 326 -5.68 12.82 -3.46
CA GLY A 326 -6.21 13.31 -4.74
C GLY A 326 -5.08 13.73 -5.67
N PHE A 327 -4.12 14.46 -5.14
CA PHE A 327 -3.01 14.84 -6.00
C PHE A 327 -2.25 13.62 -6.54
N MET A 328 -2.00 12.65 -5.65
CA MET A 328 -1.26 11.46 -6.04
C MET A 328 -1.99 10.71 -7.15
N LEU A 329 -3.30 10.54 -6.98
CA LEU A 329 -4.07 9.80 -7.98
C LEU A 329 -4.26 10.54 -9.30
N ALA A 330 -4.19 11.89 -9.29
CA ALA A 330 -4.30 12.65 -10.54
C ALA A 330 -2.98 12.72 -11.29
N HIS A 331 -1.87 12.68 -10.56
CA HIS A 331 -0.54 12.86 -11.21
C HIS A 331 -0.05 11.55 -11.85
N PRO A 332 0.57 11.60 -13.04
CA PRO A 332 0.92 10.34 -13.72
C PRO A 332 2.05 9.51 -13.07
N TYR A 333 2.84 10.11 -12.18
CA TYR A 333 4.00 9.38 -11.62
C TYR A 333 3.63 8.14 -10.81
N GLY A 334 4.29 7.03 -11.11
CA GLY A 334 4.17 5.84 -10.23
C GLY A 334 2.94 4.98 -10.40
N PHE A 335 2.99 3.86 -9.70
CA PHE A 335 1.85 2.99 -9.55
C PHE A 335 1.29 3.19 -8.16
N THR A 336 0.01 3.58 -8.08
CA THR A 336 -0.61 4.04 -6.85
C THR A 336 -1.27 2.99 -5.94
N ARG A 337 -0.96 3.12 -4.65
CA ARG A 337 -1.58 2.28 -3.61
C ARG A 337 -2.27 3.19 -2.59
N VAL A 338 -3.55 2.90 -2.33
CA VAL A 338 -4.35 3.62 -1.34
C VAL A 338 -4.44 2.77 -0.07
N MET A 339 -4.24 3.40 1.07
CA MET A 339 -4.30 2.75 2.38
C MET A 339 -5.75 2.65 2.83
N SER A 340 -6.11 1.54 3.48
CA SER A 340 -7.41 1.45 4.14
C SER A 340 -7.15 0.93 5.56
N SER A 341 -7.61 1.70 6.54
CA SER A 341 -7.10 1.59 7.93
C SER A 341 -8.17 1.17 8.92
N TYR A 342 -7.72 0.92 10.15
CA TYR A 342 -8.67 0.84 11.27
C TYR A 342 -8.30 1.86 12.35
N ARG A 343 -9.26 2.18 13.21
CA ARG A 343 -9.03 3.10 14.32
C ARG A 343 -8.47 2.36 15.53
N TRP A 344 -7.62 3.04 16.28
CA TRP A 344 -7.06 2.56 17.52
C TRP A 344 -6.89 3.72 18.48
N PRO A 345 -6.81 3.42 19.77
CA PRO A 345 -6.69 4.49 20.78
C PRO A 345 -5.29 5.13 20.92
N ARG A 346 -4.94 6.03 20.01
CA ARG A 346 -3.65 6.73 20.04
C ARG A 346 -3.50 7.46 21.37
N TYR A 347 -2.32 7.35 21.98
CA TYR A 347 -2.07 8.01 23.25
C TYR A 347 -0.59 8.33 23.31
N PHE A 348 -0.26 9.63 23.28
CA PHE A 348 1.13 10.04 23.15
C PHE A 348 1.80 10.31 24.49
N GLU A 349 3.04 9.88 24.59
CA GLU A 349 3.85 10.12 25.78
C GLU A 349 5.27 10.21 25.26
N ASN A 350 6.03 11.21 25.72
CA ASN A 350 7.40 11.40 25.23
C ASN A 350 7.41 11.57 23.72
N GLY A 351 6.37 12.21 23.19
CA GLY A 351 6.26 12.45 21.75
C GLY A 351 5.91 11.23 20.90
N LYS A 352 5.59 10.10 21.54
CA LYS A 352 5.29 8.88 20.77
C LYS A 352 4.00 8.17 21.21
N ASP A 353 3.37 7.48 20.26
CA ASP A 353 2.11 6.79 20.54
C ASP A 353 2.37 5.46 21.22
N VAL A 354 2.03 5.36 22.50
CA VAL A 354 2.31 4.17 23.28
C VAL A 354 1.37 3.04 22.90
N ASN A 355 0.33 3.37 22.14
CA ASN A 355 -0.59 2.34 21.64
C ASN A 355 -0.41 2.05 20.15
N ASP A 356 0.78 2.34 19.63
CA ASP A 356 1.06 2.10 18.21
C ASP A 356 1.10 0.61 17.85
N TRP A 357 0.91 -0.26 18.85
CA TRP A 357 0.94 -1.70 18.67
C TRP A 357 -0.45 -2.28 18.45
N VAL A 358 -1.50 -1.51 18.77
CA VAL A 358 -2.84 -2.07 18.83
C VAL A 358 -3.25 -2.69 17.49
N GLY A 359 -3.72 -3.93 17.55
CA GLY A 359 -4.22 -4.64 16.36
C GLY A 359 -5.59 -4.22 15.92
N PRO A 360 -6.14 -4.91 14.91
CA PRO A 360 -7.45 -4.54 14.38
C PRO A 360 -8.58 -4.68 15.41
N PRO A 361 -9.71 -4.03 15.15
CA PRO A 361 -10.89 -4.10 16.01
C PRO A 361 -11.18 -5.57 16.26
N ASN A 362 -11.47 -5.92 17.52
CA ASN A 362 -11.57 -7.33 17.86
C ASN A 362 -12.44 -7.54 19.08
N ASP A 363 -13.00 -8.74 19.17
CA ASP A 363 -13.63 -9.22 20.40
C ASP A 363 -12.76 -10.33 20.97
N ASN A 364 -12.07 -10.02 22.08
CA ASN A 364 -11.14 -10.96 22.70
C ASN A 364 -10.19 -11.62 21.71
N GLY A 365 -9.70 -10.78 20.79
CA GLY A 365 -8.67 -11.24 19.82
C GLY A 365 -9.21 -11.75 18.49
N VAL A 366 -10.52 -11.93 18.38
CA VAL A 366 -11.13 -12.36 17.11
C VAL A 366 -11.48 -11.11 16.33
N THR A 367 -10.89 -10.99 15.13
CA THR A 367 -11.08 -9.76 14.34
C THR A 367 -12.54 -9.51 13.99
N LYS A 368 -12.98 -8.26 14.15
CA LYS A 368 -14.36 -7.91 13.85
CA LYS A 368 -14.35 -7.89 13.86
C LYS A 368 -14.63 -7.86 12.36
N GLU A 369 -15.82 -8.26 11.98
CA GLU A 369 -16.23 -8.12 10.59
C GLU A 369 -16.34 -6.65 10.21
N VAL A 370 -16.21 -6.38 8.91
CA VAL A 370 -16.48 -5.03 8.42
C VAL A 370 -17.98 -4.88 8.15
N THR A 371 -18.62 -3.94 8.84
CA THR A 371 -20.04 -3.70 8.60
C THR A 371 -20.15 -2.43 7.76
N ILE A 372 -21.16 -2.38 6.90
CA ILE A 372 -21.35 -1.25 6.00
C ILE A 372 -22.57 -0.46 6.49
N ASN A 373 -22.36 0.82 6.76
CA ASN A 373 -23.43 1.70 7.21
C ASN A 373 -24.31 2.10 6.03
N PRO A 374 -25.56 2.52 6.31
CA PRO A 374 -26.46 2.95 5.23
C PRO A 374 -25.82 3.98 4.28
N ASP A 375 -24.97 4.85 4.80
CA ASP A 375 -24.36 5.89 3.97
C ASP A 375 -23.11 5.43 3.24
N THR A 376 -22.81 4.13 3.36
CA THR A 376 -21.69 3.45 2.66
C THR A 376 -20.33 3.57 3.34
N THR A 377 -20.28 4.22 4.50
CA THR A 377 -19.08 4.16 5.35
C THR A 377 -19.09 2.83 6.11
N CYS A 378 -18.07 2.63 6.95
CA CYS A 378 -17.91 1.37 7.67
C CYS A 378 -18.08 1.53 9.17
N GLY A 379 -18.59 0.47 9.81
CA GLY A 379 -18.67 0.42 11.25
C GLY A 379 -17.59 -0.45 11.85
N ASN A 380 -17.74 -0.80 13.12
CA ASN A 380 -16.80 -1.65 13.84
C ASN A 380 -15.36 -1.09 13.84
N ASP A 381 -15.22 0.23 13.77
CA ASP A 381 -13.92 0.89 13.91
C ASP A 381 -13.01 0.72 12.69
N TRP A 382 -13.55 0.24 11.57
CA TRP A 382 -12.80 0.24 10.30
C TRP A 382 -12.99 1.61 9.66
N VAL A 383 -11.92 2.20 9.16
CA VAL A 383 -11.96 3.56 8.61
C VAL A 383 -12.46 3.59 7.15
N CYS A 384 -12.06 2.59 6.37
CA CYS A 384 -12.50 2.48 4.99
C CYS A 384 -12.27 3.75 4.18
N GLU A 385 -11.03 4.21 4.16
CA GLU A 385 -10.69 5.40 3.38
C GLU A 385 -11.10 5.21 1.92
N HIS A 386 -10.98 3.99 1.42
CA HIS A 386 -11.22 3.69 0.03
C HIS A 386 -12.69 3.85 -0.38
N ARG A 387 -13.59 3.94 0.61
CA ARG A 387 -15.02 4.24 0.40
C ARG A 387 -15.39 5.73 0.49
N ALA A 388 -14.45 6.59 0.91
CA ALA A 388 -14.73 8.02 0.93
C ALA A 388 -14.93 8.51 -0.49
N ARG A 389 -15.99 9.29 -0.74
CA ARG A 389 -16.31 9.74 -2.10
C ARG A 389 -15.11 10.37 -2.79
N GLN A 390 -14.39 11.21 -2.05
CA GLN A 390 -13.27 11.96 -2.62
C GLN A 390 -12.14 11.06 -3.08
N ILE A 391 -11.93 9.95 -2.38
CA ILE A 391 -10.87 9.01 -2.74
C ILE A 391 -11.36 8.02 -3.82
N ARG A 392 -12.51 7.41 -3.57
CA ARG A 392 -13.11 6.53 -4.56
C ARG A 392 -13.21 7.20 -5.94
N ASN A 393 -13.67 8.46 -5.97
CA ASN A 393 -13.84 9.10 -7.26
C ASN A 393 -12.53 9.46 -7.93
N MET A 394 -11.48 9.69 -7.13
CA MET A 394 -10.15 9.87 -7.70
C MET A 394 -9.52 8.60 -8.21
N VAL A 395 -9.88 7.46 -7.62
CA VAL A 395 -9.42 6.19 -8.18
C VAL A 395 -10.00 6.03 -9.58
N ASN A 396 -11.27 6.40 -9.75
CA ASN A 396 -11.85 6.36 -11.09
C ASN A 396 -11.23 7.42 -12.01
N PHE A 397 -10.97 8.63 -11.51
CA PHE A 397 -10.28 9.64 -12.32
C PHE A 397 -8.99 9.05 -12.91
N ARG A 398 -8.19 8.38 -12.07
CA ARG A 398 -6.91 7.84 -12.55
C ARG A 398 -7.13 6.84 -13.69
N ASN A 399 -8.18 6.01 -13.56
CA ASN A 399 -8.50 5.08 -14.64
C ASN A 399 -8.89 5.82 -15.94
N VAL A 400 -9.75 6.83 -15.80
CA VAL A 400 -10.29 7.55 -16.95
C VAL A 400 -9.19 8.26 -17.75
N VAL A 401 -8.17 8.74 -17.04
CA VAL A 401 -7.10 9.54 -17.69
C VAL A 401 -5.86 8.73 -18.01
N ASP A 402 -5.91 7.43 -17.78
CA ASP A 402 -4.74 6.56 -17.91
C ASP A 402 -4.04 6.79 -19.26
N GLY A 403 -2.73 7.04 -19.22
CA GLY A 403 -1.96 7.22 -20.45
C GLY A 403 -1.88 8.64 -20.98
N GLN A 404 -2.71 9.55 -20.44
CA GLN A 404 -2.72 10.94 -20.88
C GLN A 404 -1.63 11.76 -20.24
N PRO A 405 -1.06 12.71 -20.98
CA PRO A 405 0.08 13.42 -20.44
C PRO A 405 -0.27 14.52 -19.44
N PHE A 406 0.64 14.75 -18.49
CA PHE A 406 0.59 15.91 -17.59
C PHE A 406 0.68 17.20 -18.41
N THR A 407 -0.31 18.06 -18.30
CA THR A 407 -0.36 19.24 -19.18
C THR A 407 -1.20 20.35 -18.56
N ASN A 408 -1.23 21.51 -19.20
CA ASN A 408 -2.05 22.63 -18.70
C ASN A 408 -1.83 22.99 -17.23
N TRP A 409 -0.58 22.91 -16.80
CA TRP A 409 -0.21 23.32 -15.44
C TRP A 409 -0.42 24.82 -15.21
N TYR A 410 -1.04 25.15 -14.08
CA TYR A 410 -1.18 26.53 -13.61
C TYR A 410 -0.67 26.61 -12.15
N ASP A 411 0.03 27.69 -11.77
CA ASP A 411 0.22 28.00 -10.34
C ASP A 411 0.24 29.52 -10.10
N ASN A 412 -0.02 29.90 -8.86
CA ASN A 412 -0.01 31.32 -8.47
C ASN A 412 1.28 31.69 -7.75
N GLY A 413 2.30 30.85 -7.87
CA GLY A 413 3.57 31.05 -7.14
C GLY A 413 3.50 30.74 -5.66
N SER A 414 2.37 30.20 -5.23
CA SER A 414 2.17 29.88 -3.81
C SER A 414 1.53 28.49 -3.69
N ASN A 415 0.26 28.44 -3.29
CA ASN A 415 -0.42 27.15 -3.08
C ASN A 415 -1.72 26.97 -3.83
N GLN A 416 -1.94 27.73 -4.90
CA GLN A 416 -3.08 27.52 -5.80
C GLN A 416 -2.57 26.99 -7.12
N VAL A 417 -2.93 25.74 -7.43
CA VAL A 417 -2.39 25.08 -8.59
C VAL A 417 -3.47 24.29 -9.32
N ALA A 418 -3.20 23.97 -10.56
CA ALA A 418 -4.12 23.17 -11.35
C ALA A 418 -3.38 22.46 -12.47
N PHE A 419 -3.89 21.33 -12.91
CA PHE A 419 -3.34 20.70 -14.10
C PHE A 419 -4.30 19.70 -14.72
N GLY A 420 -4.03 19.37 -15.97
CA GLY A 420 -4.83 18.39 -16.68
C GLY A 420 -4.08 17.14 -17.05
N ARG A 421 -4.85 16.14 -17.50
CA ARG A 421 -4.31 14.89 -18.03
C ARG A 421 -4.87 14.78 -19.44
N GLY A 422 -4.04 15.17 -20.42
CA GLY A 422 -4.47 15.27 -21.82
C GLY A 422 -5.81 15.97 -21.97
N ASN A 423 -6.71 15.37 -22.73
CA ASN A 423 -8.01 15.96 -22.89
C ASN A 423 -9.09 15.20 -22.09
N ARG A 424 -8.67 14.46 -21.06
CA ARG A 424 -9.60 13.57 -20.32
C ARG A 424 -9.87 13.91 -18.85
N GLY A 425 -9.07 14.79 -18.24
CA GLY A 425 -9.31 15.19 -16.85
C GLY A 425 -8.60 16.48 -16.45
N PHE A 426 -9.10 17.14 -15.41
CA PHE A 426 -8.53 18.40 -14.94
C PHE A 426 -8.80 18.47 -13.45
N ILE A 427 -7.84 19.00 -12.70
CA ILE A 427 -7.93 19.07 -11.26
C ILE A 427 -7.37 20.41 -10.77
N VAL A 428 -7.99 20.98 -9.73
CA VAL A 428 -7.67 22.31 -9.21
C VAL A 428 -7.60 22.26 -7.71
N PHE A 429 -6.57 22.85 -7.11
CA PHE A 429 -6.34 22.81 -5.66
C PHE A 429 -6.15 24.21 -5.10
N ASN A 430 -6.76 24.50 -3.95
CA ASN A 430 -6.48 25.72 -3.20
C ASN A 430 -5.94 25.42 -1.82
N ASN A 431 -4.63 25.54 -1.60
CA ASN A 431 -4.08 25.40 -0.27
C ASN A 431 -3.47 26.70 0.25
N ASP A 432 -3.96 27.83 -0.27
CA ASP A 432 -3.58 29.13 0.29
C ASP A 432 -4.62 29.68 1.28
N ASP A 433 -4.25 30.77 1.94
CA ASP A 433 -5.12 31.38 2.95
C ASP A 433 -6.05 32.47 2.38
N TRP A 434 -6.46 32.29 1.14
CA TRP A 434 -7.44 33.16 0.49
C TRP A 434 -8.15 32.41 -0.63
N THR A 435 -9.25 32.95 -1.14
CA THR A 435 -10.03 32.27 -2.17
C THR A 435 -9.28 32.13 -3.50
N PHE A 436 -9.50 31.01 -4.17
CA PHE A 436 -8.96 30.74 -5.51
C PHE A 436 -10.12 30.93 -6.47
N SER A 437 -10.15 32.04 -7.18
CA SER A 437 -11.27 32.31 -8.08
C SER A 437 -10.73 32.75 -9.42
N LEU A 438 -10.84 31.88 -10.40
CA LEU A 438 -10.12 32.10 -11.65
C LEU A 438 -10.68 31.28 -12.78
N THR A 439 -10.58 31.83 -13.99
CA THR A 439 -10.93 31.12 -15.20
C THR A 439 -9.67 30.47 -15.77
N LEU A 440 -9.68 29.15 -15.93
CA LEU A 440 -8.52 28.36 -16.34
C LEU A 440 -8.75 27.52 -17.59
N GLN A 441 -7.71 27.35 -18.40
CA GLN A 441 -7.73 26.39 -19.50
C GLN A 441 -7.71 24.94 -18.96
N THR A 442 -8.71 24.16 -19.31
CA THR A 442 -8.85 22.79 -18.78
C THR A 442 -8.38 21.71 -19.73
N GLY A 443 -8.27 22.05 -21.02
CA GLY A 443 -7.95 21.04 -22.05
C GLY A 443 -9.10 20.10 -22.41
N LEU A 444 -10.27 20.30 -21.79
CA LEU A 444 -11.42 19.42 -22.02
C LEU A 444 -12.41 19.94 -23.05
N PRO A 445 -13.16 19.02 -23.66
CA PRO A 445 -14.25 19.40 -24.54
C PRO A 445 -15.31 20.20 -23.81
N ALA A 446 -15.96 21.12 -24.52
CA ALA A 446 -17.01 21.94 -23.92
C ALA A 446 -18.14 21.09 -23.33
N GLY A 447 -18.71 21.57 -22.25
CA GLY A 447 -19.85 20.93 -21.65
C GLY A 447 -19.97 21.19 -20.18
N THR A 448 -20.93 20.53 -19.54
CA THR A 448 -21.15 20.67 -18.11
C THR A 448 -20.60 19.40 -17.49
N TYR A 449 -19.72 19.57 -16.51
CA TYR A 449 -19.08 18.45 -15.82
C TYR A 449 -19.39 18.42 -14.33
N CYS A 450 -19.62 17.23 -13.80
CA CYS A 450 -19.75 17.08 -12.36
C CYS A 450 -18.38 17.08 -11.71
N ASP A 451 -18.24 17.88 -10.67
CA ASP A 451 -17.09 17.81 -9.78
C ASP A 451 -17.18 16.54 -8.96
N VAL A 452 -16.21 15.64 -9.14
CA VAL A 452 -16.31 14.32 -8.50
C VAL A 452 -15.78 14.32 -7.07
N ILE A 453 -15.25 15.45 -6.60
CA ILE A 453 -14.84 15.58 -5.20
C ILE A 453 -16.06 15.87 -4.32
N SER A 454 -16.90 16.82 -4.75
CA SER A 454 -18.11 17.18 -4.00
C SER A 454 -19.31 16.28 -4.24
N GLY A 455 -19.33 15.58 -5.37
CA GLY A 455 -20.53 14.79 -5.69
C GLY A 455 -20.31 13.75 -6.76
N ASP A 456 -21.40 13.34 -7.39
CA ASP A 456 -21.39 12.24 -8.34
C ASP A 456 -22.34 12.54 -9.50
N LYS A 457 -22.06 11.96 -10.66
CA LYS A 457 -22.99 12.00 -11.77
C LYS A 457 -23.95 10.83 -11.63
N ILE A 458 -25.25 11.14 -11.64
CA ILE A 458 -26.29 10.12 -11.58
C ILE A 458 -27.57 10.59 -12.28
N ASN A 459 -28.16 9.66 -13.03
CA ASN A 459 -29.25 9.92 -13.99
C ASN A 459 -29.31 11.31 -14.61
N GLY A 460 -28.22 11.69 -15.26
CA GLY A 460 -28.18 12.89 -16.07
C GLY A 460 -27.97 14.20 -15.33
N ASN A 461 -27.71 14.11 -14.02
CA ASN A 461 -27.50 15.32 -13.23
C ASN A 461 -26.29 15.09 -12.30
N CYS A 462 -25.93 16.12 -11.53
CA CYS A 462 -24.82 16.06 -10.57
C CYS A 462 -25.37 16.22 -9.17
N THR A 463 -24.75 15.57 -8.18
CA THR A 463 -25.19 15.78 -6.80
C THR A 463 -24.37 16.84 -6.08
N GLY A 464 -23.30 17.32 -6.70
CA GLY A 464 -22.47 18.35 -6.07
C GLY A 464 -22.29 19.54 -7.00
N ILE A 465 -21.07 20.07 -7.01
CA ILE A 465 -20.73 21.21 -7.87
C ILE A 465 -20.70 20.86 -9.35
N LYS A 466 -21.17 21.79 -10.18
CA LYS A 466 -21.09 21.64 -11.63
C LYS A 466 -20.09 22.66 -12.16
N ILE A 467 -19.27 22.21 -13.11
CA ILE A 467 -18.29 23.08 -13.76
C ILE A 467 -18.65 23.19 -15.23
N TYR A 468 -18.54 24.41 -15.77
CA TYR A 468 -19.00 24.70 -17.14
C TYR A 468 -17.84 25.07 -18.05
N VAL A 469 -17.48 24.13 -18.93
CA VAL A 469 -16.34 24.33 -19.84
C VAL A 469 -16.83 24.90 -21.16
N SER A 470 -16.26 26.03 -21.55
CA SER A 470 -16.66 26.70 -22.79
C SER A 470 -16.05 26.04 -24.02
N ASP A 471 -16.43 26.53 -25.21
CA ASP A 471 -15.88 25.99 -26.46
C ASP A 471 -14.37 26.10 -26.56
N ASP A 472 -13.78 27.07 -25.87
CA ASP A 472 -12.32 27.25 -25.93
C ASP A 472 -11.58 26.45 -24.86
N GLY A 473 -12.32 25.67 -24.06
CA GLY A 473 -11.69 24.84 -23.02
C GLY A 473 -11.56 25.48 -21.65
N LYS A 474 -11.97 26.74 -21.52
CA LYS A 474 -11.81 27.45 -20.25
C LYS A 474 -13.03 27.29 -19.36
N ALA A 475 -12.79 27.27 -18.06
CA ALA A 475 -13.88 27.15 -17.09
C ALA A 475 -13.54 27.93 -15.85
N HIS A 476 -14.57 28.43 -15.16
CA HIS A 476 -14.36 29.15 -13.92
C HIS A 476 -14.36 28.20 -12.75
N PHE A 477 -13.43 28.43 -11.83
CA PHE A 477 -13.36 27.68 -10.58
C PHE A 477 -13.35 28.65 -9.43
N SER A 478 -14.11 28.34 -8.38
CA SER A 478 -14.13 29.14 -7.17
C SER A 478 -13.99 28.20 -5.99
N ILE A 479 -12.86 28.28 -5.28
CA ILE A 479 -12.65 27.43 -4.10
C ILE A 479 -12.21 28.28 -2.93
N SER A 480 -13.04 28.33 -1.90
CA SER A 480 -12.72 29.10 -0.70
C SER A 480 -11.58 28.43 0.07
N ASN A 481 -10.72 29.23 0.71
CA ASN A 481 -9.70 28.66 1.56
C ASN A 481 -10.28 27.93 2.78
N SER A 482 -11.54 28.18 3.10
CA SER A 482 -12.13 27.47 4.23
C SER A 482 -13.00 26.30 3.77
N ALA A 483 -12.90 25.97 2.48
CA ALA A 483 -13.65 24.82 1.96
C ALA A 483 -13.26 23.54 2.70
N GLU A 484 -14.25 22.69 2.97
CA GLU A 484 -13.93 21.44 3.65
C GLU A 484 -13.04 20.55 2.78
N ASP A 485 -13.32 20.49 1.48
CA ASP A 485 -12.42 19.82 0.53
C ASP A 485 -12.04 20.87 -0.52
N PRO A 486 -10.86 21.48 -0.36
CA PRO A 486 -10.50 22.62 -1.19
C PRO A 486 -9.85 22.21 -2.51
N PHE A 487 -10.47 21.26 -3.20
CA PHE A 487 -10.03 20.86 -4.55
C PHE A 487 -11.23 20.36 -5.34
N ILE A 488 -11.14 20.49 -6.66
CA ILE A 488 -12.21 20.13 -7.58
C ILE A 488 -11.58 19.29 -8.70
N ALA A 489 -12.29 18.25 -9.14
CA ALA A 489 -11.78 17.38 -10.20
C ALA A 489 -12.91 17.03 -11.15
N ILE A 490 -12.64 17.13 -12.43
CA ILE A 490 -13.60 16.77 -13.48
C ILE A 490 -12.93 15.88 -14.53
N HIS A 491 -13.72 15.04 -15.19
CA HIS A 491 -13.14 14.14 -16.20
C HIS A 491 -14.15 13.69 -17.23
N ALA A 492 -13.68 12.99 -18.26
CA ALA A 492 -14.51 12.65 -19.40
C ALA A 492 -15.77 11.89 -19.01
N GLU A 493 -15.69 11.09 -17.95
CA GLU A 493 -16.86 10.30 -17.59
C GLU A 493 -17.74 10.99 -16.55
N SER A 494 -17.37 12.21 -16.12
CA SER A 494 -18.25 13.01 -15.28
C SER A 494 -18.98 14.10 -16.07
N LYS A 495 -18.80 14.13 -17.39
CA LYS A 495 -19.51 15.07 -18.24
C LYS A 495 -20.98 14.66 -18.38
N LEU A 496 -21.88 15.63 -18.28
CA LEU A 496 -23.30 15.38 -18.51
C LEU A 496 -23.62 15.26 -19.99
#